data_2YP5
#
_entry.id   2YP5
#
_cell.length_a   100.860
_cell.length_b   100.860
_cell.length_c   386.530
_cell.angle_alpha   90.00
_cell.angle_beta   90.00
_cell.angle_gamma   120.00
#
_symmetry.space_group_name_H-M   'H 3 2'
#
loop_
_entity.id
_entity.type
_entity.pdbx_description
1 polymer HEMAGGLUTININ
2 branched alpha-D-mannopyranose-(1-4)-2-acetamido-2-deoxy-beta-D-glucopyranose-(1-4)-2-acetamido-2-deoxy-beta-D-glucopyranose
3 branched 2-acetamido-2-deoxy-beta-D-glucopyranose-(1-4)-2-acetamido-2-deoxy-beta-D-glucopyranose
4 branched 'N-acetyl-alpha-neuraminic acid-(2-3)-beta-D-galactopyranose'
5 non-polymer 2-acetamido-2-deoxy-beta-D-glucopyranose
6 non-polymer '4-(2-HYDROXYETHYL)-1-PIPERAZINE ETHANESULFONIC ACID'
7 non-polymer TRIS(HYDROXYETHYL)AMINOMETHANE
8 water water
#
_entity_poly.entity_id   1
_entity_poly.type   'polypeptide(L)'
_entity_poly.pdbx_seq_one_letter_code
;QKLPGNDNSTATLCLGHHAVPNGTIVKTITNDQIEVTNATELVQSSSTGGICDSPHQILDGENCTLIDALLGDPQCDGFQ
NKKWDLFVERSKAYSNCYPYDVPDYASLRSLVASSGTLEFNNESFNWTGVTQNGTSSACKRRSNNSFFSRLNWLTHLKFK
YPALNVTMPNNEKFDKLYIWGVHHPGTDNDQISLYAQASGRITVSTKRSQQTVIPNIGSRPRVRDIPSRISIYWTIVKPG
DILLINSTGNLIAPRGYFKIRSGKSSIMRSDAPIGKCNSECITPNGSIPNDKPFQNVNRITYGACPRYVKQNTLKLATGM
RNVPEKQTQGIFGAIAGFIENGWEGMVDGWYGFRHQNSEGIGQAADLKSTQAAINQINGKLNRLIGKTNEKFHQIEKEFS
EVEGRIQDLEKYVEDTKIDLWSYNAELLVALENQHTIDLTDSEMNKLFERTKKQLRENAEDMGNGCFKIYHKCDNACIGS
IRNGTYDHDVYRDEALNNRFQIK
;
_entity_poly.pdbx_strand_id   A
#
loop_
_chem_comp.id
_chem_comp.type
_chem_comp.name
_chem_comp.formula
EPE non-polymer '4-(2-HYDROXYETHYL)-1-PIPERAZINE ETHANESULFONIC ACID' 'C8 H18 N2 O4 S'
GAL D-saccharide, beta linking beta-D-galactopyranose 'C6 H12 O6'
MAN D-saccharide, alpha linking alpha-D-mannopyranose 'C6 H12 O6'
NAG D-saccharide, beta linking 2-acetamido-2-deoxy-beta-D-glucopyranose 'C8 H15 N O6'
SIA D-saccharide, alpha linking 'N-acetyl-alpha-neuraminic acid' 'C11 H19 N O9'
TAM non-polymer TRIS(HYDROXYETHYL)AMINOMETHANE 'C7 H17 N O3'
#
# COMPACT_ATOMS: atom_id res chain seq x y z
N ASN A 8 63.64 4.63 -13.40
CA ASN A 8 64.44 3.43 -13.76
C ASN A 8 64.65 2.52 -12.55
N SER A 9 65.14 3.09 -11.46
CA SER A 9 65.39 2.36 -10.19
C SER A 9 64.22 2.53 -9.21
N THR A 10 63.04 2.82 -9.75
CA THR A 10 61.86 3.11 -8.96
C THR A 10 60.65 2.45 -9.59
N ALA A 11 59.52 2.57 -8.91
CA ALA A 11 58.26 2.08 -9.42
C ALA A 11 57.18 3.07 -9.00
N THR A 12 56.03 2.97 -9.64
CA THR A 12 54.85 3.75 -9.30
C THR A 12 53.71 2.81 -8.95
N LEU A 13 53.01 3.13 -7.86
CA LEU A 13 51.83 2.37 -7.45
C LEU A 13 50.69 3.36 -7.21
N CYS A 14 49.64 3.24 -8.02
CA CYS A 14 48.46 4.10 -7.95
C CYS A 14 47.27 3.36 -7.36
N LEU A 15 46.51 4.07 -6.51
CA LEU A 15 45.27 3.56 -5.94
C LEU A 15 44.13 4.21 -6.68
N GLY A 16 43.10 3.41 -6.99
CA GLY A 16 41.99 3.93 -7.77
C GLY A 16 40.69 3.22 -7.58
N HIS A 17 39.68 3.72 -8.27
CA HIS A 17 38.35 3.14 -8.25
C HIS A 17 37.76 3.14 -9.63
N HIS A 18 36.73 2.32 -9.82
CA HIS A 18 36.10 2.19 -11.11
C HIS A 18 35.25 3.38 -11.47
N ALA A 19 34.87 3.40 -12.75
CA ALA A 19 33.96 4.39 -13.31
C ALA A 19 33.22 3.68 -14.43
N VAL A 20 32.03 4.17 -14.77
CA VAL A 20 31.22 3.55 -15.81
C VAL A 20 30.85 4.60 -16.83
N PRO A 21 30.56 4.17 -18.08
CA PRO A 21 30.27 5.16 -19.09
C PRO A 21 28.86 5.73 -18.99
N ASN A 22 27.95 5.01 -18.33
CA ASN A 22 26.54 5.40 -18.22
C ASN A 22 26.07 5.54 -16.76
N GLY A 23 26.53 6.60 -16.10
CA GLY A 23 26.18 6.83 -14.69
C GLY A 23 24.75 7.32 -14.55
N THR A 24 24.27 7.43 -13.31
CA THR A 24 22.92 7.95 -13.04
C THR A 24 22.96 9.07 -12.01
N ILE A 25 22.10 10.08 -12.17
CA ILE A 25 22.08 11.23 -11.28
C ILE A 25 21.19 10.92 -10.07
N VAL A 26 21.73 11.20 -8.89
CA VAL A 26 20.96 11.13 -7.64
C VAL A 26 21.11 12.42 -6.84
N LYS A 27 20.31 12.52 -5.77
CA LYS A 27 20.38 13.67 -4.87
C LYS A 27 20.94 13.26 -3.51
N THR A 28 21.80 14.10 -2.95
CA THR A 28 22.35 13.88 -1.61
C THR A 28 22.11 15.15 -0.80
N ILE A 29 22.58 15.15 0.45
CA ILE A 29 22.51 16.34 1.27
C ILE A 29 23.43 17.44 0.72
N THR A 30 24.60 17.03 0.23
CA THR A 30 25.57 17.96 -0.34
C THR A 30 25.19 18.50 -1.72
N ASN A 31 24.68 17.63 -2.59
CA ASN A 31 24.42 17.98 -4.00
C ASN A 31 22.99 17.66 -4.41
N ASP A 32 22.31 18.62 -5.05
CA ASP A 32 21.02 18.37 -5.71
C ASP A 32 21.16 17.28 -6.80
N GLN A 33 22.29 17.31 -7.50
CA GLN A 33 22.58 16.35 -8.57
C GLN A 33 24.02 15.89 -8.46
N ILE A 34 24.22 14.59 -8.27
CA ILE A 34 25.56 14.01 -8.37
C ILE A 34 25.43 12.68 -9.09
N GLU A 35 26.36 12.45 -10.03
CA GLU A 35 26.36 11.22 -10.79
C GLU A 35 27.07 10.10 -10.00
N VAL A 36 26.39 8.98 -9.89
CA VAL A 36 26.94 7.77 -9.30
C VAL A 36 26.93 6.67 -10.36
N THR A 37 27.60 5.57 -10.05
CA THR A 37 27.73 4.49 -11.02
C THR A 37 26.43 3.73 -11.26
N ASN A 38 25.55 3.73 -10.26
CA ASN A 38 24.32 2.96 -10.37
C ASN A 38 23.35 3.44 -9.31
N ALA A 39 22.06 3.26 -9.57
CA ALA A 39 21.01 3.62 -8.62
C ALA A 39 19.81 2.72 -8.85
N THR A 40 18.91 2.71 -7.87
CA THR A 40 17.67 1.95 -7.99
C THR A 40 16.47 2.82 -7.59
N GLU A 41 15.34 2.57 -8.22
CA GLU A 41 14.14 3.37 -8.02
C GLU A 41 13.37 2.91 -6.78
N LEU A 42 12.99 3.86 -5.92
CA LEU A 42 12.27 3.53 -4.67
C LEU A 42 10.78 3.88 -4.72
N VAL A 43 10.33 4.53 -5.79
CA VAL A 43 8.91 4.83 -5.96
C VAL A 43 8.31 3.96 -7.07
N GLN A 44 7.36 3.10 -6.69
CA GLN A 44 6.58 2.33 -7.66
C GLN A 44 5.59 3.26 -8.38
N SER A 45 5.71 3.37 -9.70
CA SER A 45 4.81 4.26 -10.43
C SER A 45 3.92 3.60 -11.49
N SER A 46 4.06 2.30 -11.68
CA SER A 46 3.18 1.61 -12.63
C SER A 46 2.38 0.52 -11.94
N SER A 47 1.24 0.18 -12.54
CA SER A 47 0.48 -1.02 -12.22
C SER A 47 0.26 -1.80 -13.51
N THR A 48 0.08 -3.12 -13.39
CA THR A 48 -0.33 -3.98 -14.51
C THR A 48 -1.73 -3.63 -15.01
N GLY A 49 -2.52 -2.99 -14.17
CA GLY A 49 -3.87 -2.59 -14.55
C GLY A 49 -4.94 -3.61 -14.19
N GLY A 50 -4.54 -4.78 -13.66
CA GLY A 50 -5.52 -5.73 -13.14
C GLY A 50 -5.36 -6.00 -11.67
N ILE A 51 -6.47 -6.33 -11.00
CA ILE A 51 -6.44 -6.75 -9.58
C ILE A 51 -6.24 -8.27 -9.55
N CYS A 52 -5.12 -8.72 -8.97
CA CYS A 52 -4.82 -10.15 -8.88
C CYS A 52 -5.73 -10.82 -7.86
N ASP A 53 -6.28 -11.99 -8.22
CA ASP A 53 -7.25 -12.69 -7.37
C ASP A 53 -6.64 -13.47 -6.22
N SER A 54 -5.31 -13.41 -6.12
CA SER A 54 -4.55 -14.03 -5.03
C SER A 54 -3.52 -13.02 -4.51
N PRO A 55 -3.14 -13.14 -3.23
CA PRO A 55 -3.56 -14.12 -2.23
C PRO A 55 -4.74 -13.69 -1.34
N HIS A 56 -5.31 -12.51 -1.60
CA HIS A 56 -6.47 -12.05 -0.88
C HIS A 56 -7.72 -12.58 -1.51
N GLN A 57 -8.73 -12.83 -0.69
CA GLN A 57 -10.02 -13.27 -1.20
C GLN A 57 -10.80 -12.07 -1.74
N ILE A 58 -10.98 -12.05 -3.06
CA ILE A 58 -11.61 -10.93 -3.74
C ILE A 58 -13.06 -11.27 -4.02
N LEU A 59 -13.95 -10.33 -3.80
CA LEU A 59 -15.34 -10.49 -4.23
C LEU A 59 -15.69 -9.34 -5.15
N ASP A 60 -15.91 -9.66 -6.42
CA ASP A 60 -16.26 -8.66 -7.43
C ASP A 60 -17.75 -8.42 -7.37
N GLY A 61 -18.16 -7.22 -6.99
CA GLY A 61 -19.56 -6.88 -6.87
C GLY A 61 -20.33 -6.88 -8.20
N GLU A 62 -19.61 -6.79 -9.31
CA GLU A 62 -20.22 -6.70 -10.64
C GLU A 62 -21.27 -5.59 -10.68
N ASN A 63 -22.54 -5.91 -10.90
CA ASN A 63 -23.58 -4.88 -10.94
C ASN A 63 -24.15 -4.48 -9.57
N CYS A 64 -23.62 -5.08 -8.49
CA CYS A 64 -24.14 -4.90 -7.15
C CYS A 64 -23.19 -4.13 -6.27
N THR A 65 -23.72 -3.12 -5.57
CA THR A 65 -23.04 -2.56 -4.40
C THR A 65 -23.10 -3.57 -3.26
N LEU A 66 -22.25 -3.37 -2.26
CA LEU A 66 -22.28 -4.21 -1.08
C LEU A 66 -23.65 -4.10 -0.42
N ILE A 67 -24.18 -2.88 -0.32
CA ILE A 67 -25.48 -2.71 0.32
C ILE A 67 -26.59 -3.43 -0.46
N ASP A 68 -26.53 -3.42 -1.79
CA ASP A 68 -27.55 -4.19 -2.55
C ASP A 68 -27.44 -5.70 -2.32
N ALA A 69 -26.22 -6.21 -2.24
CA ALA A 69 -25.98 -7.60 -1.93
C ALA A 69 -26.45 -7.97 -0.52
N LEU A 70 -26.30 -7.03 0.43
CA LEU A 70 -26.75 -7.19 1.81
C LEU A 70 -28.30 -7.30 1.89
N LEU A 71 -28.98 -6.33 1.30
CA LEU A 71 -30.44 -6.30 1.32
C LEU A 71 -31.03 -7.48 0.56
N GLY A 72 -30.35 -7.89 -0.52
CA GLY A 72 -30.77 -9.03 -1.31
C GLY A 72 -31.58 -8.68 -2.56
N ASP A 73 -31.12 -7.65 -3.26
CA ASP A 73 -31.60 -7.32 -4.61
C ASP A 73 -31.47 -8.59 -5.47
N PRO A 74 -32.54 -8.98 -6.21
CA PRO A 74 -32.48 -10.24 -6.96
C PRO A 74 -31.23 -10.50 -7.81
N GLN A 75 -30.74 -9.49 -8.51
CA GLN A 75 -29.50 -9.67 -9.29
C GLN A 75 -28.27 -9.96 -8.44
N CYS A 76 -28.39 -9.80 -7.11
CA CYS A 76 -27.28 -10.08 -6.19
C CYS A 76 -27.45 -11.41 -5.45
N ASP A 77 -28.40 -12.25 -5.88
CA ASP A 77 -28.69 -13.50 -5.18
C ASP A 77 -27.48 -14.42 -5.06
N GLY A 78 -26.61 -14.38 -6.07
CA GLY A 78 -25.41 -15.23 -6.08
C GLY A 78 -24.40 -14.89 -4.99
N PHE A 79 -24.54 -13.70 -4.39
CA PHE A 79 -23.63 -13.27 -3.29
C PHE A 79 -24.01 -13.80 -1.91
N GLN A 80 -25.15 -14.45 -1.78
CA GLN A 80 -25.62 -14.88 -0.46
C GLN A 80 -24.54 -15.60 0.33
N ASN A 81 -24.31 -15.13 1.55
CA ASN A 81 -23.44 -15.79 2.53
C ASN A 81 -21.96 -15.78 2.21
N LYS A 82 -21.56 -15.05 1.18
CA LYS A 82 -20.14 -15.03 0.78
C LYS A 82 -19.32 -14.15 1.73
N LYS A 83 -18.02 -14.45 1.77
CA LYS A 83 -17.05 -13.69 2.55
C LYS A 83 -16.01 -13.08 1.59
N TRP A 84 -15.24 -12.13 2.10
CA TRP A 84 -14.18 -11.48 1.34
C TRP A 84 -13.14 -10.92 2.26
N ASP A 85 -11.94 -10.79 1.73
CA ASP A 85 -10.97 -9.86 2.25
C ASP A 85 -11.22 -8.50 1.61
N LEU A 86 -11.44 -8.46 0.29
CA LEU A 86 -11.72 -7.19 -0.40
C LEU A 86 -12.91 -7.30 -1.33
N PHE A 87 -13.93 -6.50 -1.03
CA PHE A 87 -15.10 -6.38 -1.86
C PHE A 87 -14.81 -5.25 -2.84
N VAL A 88 -14.98 -5.53 -4.13
CA VAL A 88 -14.68 -4.55 -5.16
C VAL A 88 -15.99 -4.06 -5.78
N GLU A 89 -16.28 -2.77 -5.61
CA GLU A 89 -17.49 -2.14 -6.13
C GLU A 89 -17.18 -1.41 -7.42
N ARG A 90 -18.00 -1.68 -8.44
CA ARG A 90 -17.80 -1.19 -9.79
C ARG A 90 -18.63 0.05 -10.03
N SER A 91 -18.14 0.96 -10.87
CA SER A 91 -18.88 2.19 -11.16
C SER A 91 -20.18 1.93 -11.91
N LYS A 92 -20.26 0.82 -12.63
CA LYS A 92 -21.47 0.47 -13.39
C LYS A 92 -22.59 -0.09 -12.51
N ALA A 93 -22.29 -0.34 -11.23
CA ALA A 93 -23.25 -0.99 -10.35
C ALA A 93 -24.54 -0.14 -10.27
N TYR A 94 -25.68 -0.83 -10.18
CA TYR A 94 -26.97 -0.15 -10.12
C TYR A 94 -27.98 -0.99 -9.34
N SER A 95 -28.91 -0.31 -8.68
CA SER A 95 -29.96 -0.99 -7.91
C SER A 95 -31.12 -1.34 -8.82
N ASN A 96 -31.76 -2.48 -8.58
CA ASN A 96 -32.86 -2.92 -9.44
C ASN A 96 -34.00 -3.57 -8.65
N CYS A 97 -34.30 -2.99 -7.50
CA CYS A 97 -35.37 -3.47 -6.63
C CYS A 97 -36.15 -2.23 -6.18
N TYR A 98 -36.82 -2.29 -5.04
CA TYR A 98 -37.61 -1.14 -4.58
C TYR A 98 -36.67 0.02 -4.23
N PRO A 99 -37.03 1.25 -4.64
CA PRO A 99 -36.13 2.36 -4.33
C PRO A 99 -35.97 2.58 -2.84
N TYR A 100 -34.73 2.76 -2.41
CA TYR A 100 -34.46 2.90 -0.99
C TYR A 100 -33.39 3.95 -0.74
N ASP A 101 -33.32 4.39 0.51
CA ASP A 101 -32.15 5.13 1.00
C ASP A 101 -31.74 4.56 2.35
N VAL A 102 -30.53 4.92 2.76
CA VAL A 102 -29.98 4.50 4.05
C VAL A 102 -29.43 5.76 4.71
N PRO A 103 -30.12 6.26 5.74
CA PRO A 103 -29.48 7.32 6.52
C PRO A 103 -28.13 6.80 7.01
N ASP A 104 -27.07 7.58 6.89
CA ASP A 104 -25.69 7.06 7.21
C ASP A 104 -25.33 5.75 6.45
N TYR A 105 -25.68 5.76 5.17
CA TYR A 105 -25.21 4.78 4.21
C TYR A 105 -23.72 4.46 4.35
N ALA A 106 -22.89 5.50 4.39
CA ALA A 106 -21.43 5.30 4.48
C ALA A 106 -21.04 4.43 5.67
N SER A 107 -21.70 4.62 6.81
CA SER A 107 -21.34 3.83 7.99
C SER A 107 -21.77 2.37 7.87
N LEU A 108 -22.96 2.11 7.31
CA LEU A 108 -23.41 0.73 7.19
C LEU A 108 -22.52 0.01 6.19
N ARG A 109 -22.23 0.68 5.08
CA ARG A 109 -21.28 0.14 4.10
C ARG A 109 -19.94 -0.20 4.73
N SER A 110 -19.39 0.73 5.52
CA SER A 110 -18.11 0.53 6.16
C SER A 110 -18.14 -0.66 7.13
N LEU A 111 -19.15 -0.71 7.98
CA LEU A 111 -19.15 -1.74 9.02
C LEU A 111 -19.37 -3.13 8.41
N VAL A 112 -20.19 -3.24 7.37
CA VAL A 112 -20.34 -4.56 6.69
C VAL A 112 -19.03 -4.91 5.95
N ALA A 113 -18.44 -3.92 5.29
CA ALA A 113 -17.17 -4.11 4.58
C ALA A 113 -16.08 -4.65 5.48
N SER A 114 -15.93 -4.05 6.67
CA SER A 114 -14.91 -4.40 7.64
C SER A 114 -15.18 -5.78 8.26
N SER A 115 -16.45 -6.11 8.42
CA SER A 115 -16.88 -7.41 8.92
C SER A 115 -16.52 -8.54 7.94
N GLY A 116 -16.65 -8.29 6.65
CA GLY A 116 -16.13 -9.20 5.62
C GLY A 116 -17.00 -10.43 5.34
N THR A 117 -18.27 -10.38 5.73
CA THR A 117 -19.16 -11.53 5.55
C THR A 117 -20.60 -11.11 5.34
N LEU A 118 -21.28 -11.83 4.45
CA LEU A 118 -22.72 -11.71 4.25
C LEU A 118 -23.48 -12.89 4.85
N GLU A 119 -22.82 -13.68 5.69
CA GLU A 119 -23.50 -14.81 6.36
C GLU A 119 -24.77 -14.35 7.05
N PHE A 120 -25.88 -15.03 6.74
CA PHE A 120 -27.19 -14.65 7.23
C PHE A 120 -27.88 -15.87 7.82
N ASN A 121 -28.46 -15.72 9.00
CA ASN A 121 -29.20 -16.79 9.67
C ASN A 121 -30.65 -16.39 9.79
N ASN A 122 -31.53 -17.20 9.19
CA ASN A 122 -32.96 -16.93 9.27
C ASN A 122 -33.48 -17.15 10.68
N GLU A 123 -34.46 -16.33 11.08
CA GLU A 123 -35.14 -16.54 12.35
C GLU A 123 -36.65 -16.49 12.15
N SER A 124 -37.37 -17.18 13.04
CA SER A 124 -38.83 -17.28 12.95
C SER A 124 -39.48 -16.22 13.82
N PHE A 125 -39.74 -15.07 13.22
CA PHE A 125 -40.43 -14.00 13.92
C PHE A 125 -41.90 -14.33 13.98
N ASN A 126 -42.57 -13.92 15.04
CA ASN A 126 -44.01 -14.14 15.13
C ASN A 126 -44.78 -12.97 14.53
N TRP A 127 -45.12 -13.08 13.23
CA TRP A 127 -45.94 -12.06 12.56
C TRP A 127 -47.39 -12.47 12.42
N THR A 128 -47.97 -12.91 13.53
CA THR A 128 -49.39 -13.26 13.53
C THR A 128 -50.23 -12.00 13.36
N GLY A 129 -51.20 -12.05 12.45
CA GLY A 129 -52.17 -10.97 12.26
C GLY A 129 -51.96 -10.11 11.03
N VAL A 130 -50.85 -10.32 10.31
CA VAL A 130 -50.53 -9.56 9.11
C VAL A 130 -50.23 -10.49 7.93
N THR A 131 -50.25 -9.92 6.72
CA THR A 131 -49.82 -10.63 5.52
C THR A 131 -48.31 -10.43 5.36
N GLN A 132 -47.58 -11.52 5.12
CA GLN A 132 -46.12 -11.48 4.91
C GLN A 132 -45.78 -11.54 3.44
N ASN A 133 -44.49 -11.33 3.16
CA ASN A 133 -43.92 -11.54 1.83
C ASN A 133 -44.50 -10.68 0.73
N GLY A 134 -44.76 -9.41 1.03
CA GLY A 134 -45.19 -8.46 0.01
C GLY A 134 -44.14 -8.35 -1.10
N THR A 135 -44.61 -8.15 -2.33
CA THR A 135 -43.74 -8.06 -3.48
C THR A 135 -44.10 -6.84 -4.34
N SER A 136 -43.26 -6.58 -5.35
CA SER A 136 -43.45 -5.45 -6.25
C SER A 136 -42.90 -5.75 -7.65
N SER A 137 -43.56 -5.18 -8.66
CA SER A 137 -43.09 -5.25 -10.04
C SER A 137 -41.77 -4.50 -10.25
N ALA A 138 -41.43 -3.60 -9.32
CA ALA A 138 -40.14 -2.90 -9.32
C ALA A 138 -38.98 -3.79 -8.83
N CYS A 139 -39.27 -5.02 -8.41
CA CYS A 139 -38.22 -5.91 -7.90
C CYS A 139 -38.46 -7.33 -8.37
N LYS A 140 -38.26 -7.56 -9.67
CA LYS A 140 -38.53 -8.86 -10.28
C LYS A 140 -37.45 -9.87 -9.95
N ARG A 141 -37.87 -11.09 -9.60
CA ARG A 141 -36.97 -12.23 -9.43
C ARG A 141 -37.46 -13.40 -10.30
N ARG A 142 -36.66 -13.78 -11.28
CA ARG A 142 -37.05 -14.80 -12.27
C ARG A 142 -38.38 -14.40 -12.90
N SER A 143 -38.42 -13.18 -13.42
CA SER A 143 -39.60 -12.61 -14.10
C SER A 143 -40.90 -12.52 -13.27
N ASN A 144 -40.82 -12.83 -11.97
CA ASN A 144 -41.97 -12.67 -11.06
C ASN A 144 -41.77 -11.49 -10.11
N ASN A 145 -42.87 -10.85 -9.73
CA ASN A 145 -42.84 -9.80 -8.71
C ASN A 145 -42.21 -10.34 -7.44
N SER A 146 -41.29 -9.58 -6.84
CA SER A 146 -40.56 -10.06 -5.67
C SER A 146 -40.15 -8.89 -4.78
N PHE A 147 -39.10 -9.11 -3.99
CA PHE A 147 -38.65 -8.11 -3.02
C PHE A 147 -37.25 -8.51 -2.54
N PHE A 148 -36.60 -7.60 -1.83
CA PHE A 148 -35.33 -7.90 -1.19
C PHE A 148 -35.41 -9.24 -0.45
N SER A 149 -34.46 -10.12 -0.72
CA SER A 149 -34.47 -11.47 -0.13
C SER A 149 -34.44 -11.48 1.39
N ARG A 150 -33.75 -10.52 2.00
CA ARG A 150 -33.53 -10.53 3.44
C ARG A 150 -34.57 -9.71 4.22
N LEU A 151 -35.54 -9.14 3.53
CA LEU A 151 -36.54 -8.30 4.14
C LEU A 151 -37.92 -8.87 3.87
N ASN A 152 -38.85 -8.51 4.76
CA ASN A 152 -40.21 -9.07 4.77
C ASN A 152 -41.22 -7.93 4.84
N TRP A 153 -41.86 -7.68 3.71
CA TRP A 153 -42.84 -6.63 3.59
C TRP A 153 -44.17 -7.07 4.13
N LEU A 154 -44.50 -6.58 5.33
CA LEU A 154 -45.76 -6.92 6.01
C LEU A 154 -46.87 -5.94 5.64
N THR A 155 -48.06 -6.48 5.34
CA THR A 155 -49.24 -5.66 5.03
C THR A 155 -50.45 -6.19 5.81
N HIS A 156 -51.56 -5.48 5.76
CA HIS A 156 -52.75 -5.86 6.53
C HIS A 156 -53.22 -7.24 6.18
N LEU A 157 -53.96 -7.84 7.11
CA LEU A 157 -54.64 -9.11 6.89
C LEU A 157 -56.13 -8.89 7.12
N LYS A 158 -56.93 -9.12 6.08
CA LYS A 158 -58.39 -8.91 6.16
C LYS A 158 -58.70 -7.49 6.63
N PHE A 159 -57.94 -6.53 6.10
CA PHE A 159 -58.08 -5.10 6.41
C PHE A 159 -57.83 -4.74 7.87
N LYS A 160 -57.14 -5.61 8.61
CA LYS A 160 -56.62 -5.28 9.93
C LYS A 160 -55.09 -5.37 9.96
N TYR A 161 -54.46 -4.44 10.66
CA TYR A 161 -53.04 -4.50 10.97
C TYR A 161 -52.93 -4.33 12.49
N PRO A 162 -52.95 -5.45 13.24
CA PRO A 162 -52.85 -5.31 14.69
C PRO A 162 -51.47 -4.81 15.07
N ALA A 163 -51.38 -4.12 16.19
CA ALA A 163 -50.11 -3.63 16.68
C ALA A 163 -49.15 -4.79 16.88
N LEU A 164 -47.94 -4.64 16.35
CA LEU A 164 -46.91 -5.66 16.50
C LEU A 164 -46.05 -5.33 17.71
N ASN A 165 -45.71 -6.35 18.48
CA ASN A 165 -44.84 -6.21 19.62
C ASN A 165 -44.08 -7.52 19.75
N VAL A 166 -42.99 -7.62 18.99
CA VAL A 166 -42.34 -8.90 18.73
C VAL A 166 -40.91 -8.88 19.24
N THR A 167 -40.52 -10.00 19.85
CA THR A 167 -39.23 -10.11 20.51
C THR A 167 -38.33 -11.18 19.86
N MET A 168 -37.02 -10.96 19.89
CA MET A 168 -36.05 -11.99 19.46
C MET A 168 -34.80 -11.91 20.33
N PRO A 169 -34.66 -12.84 21.29
CA PRO A 169 -33.50 -12.80 22.17
C PRO A 169 -32.23 -13.26 21.46
N ASN A 170 -31.10 -12.69 21.85
CA ASN A 170 -29.83 -13.19 21.39
C ASN A 170 -29.24 -14.10 22.47
N ASN A 171 -29.42 -15.40 22.25
CA ASN A 171 -28.91 -16.45 23.14
C ASN A 171 -27.65 -17.09 22.59
N GLU A 172 -27.02 -16.41 21.64
CA GLU A 172 -25.78 -16.88 21.04
C GLU A 172 -24.62 -16.25 21.80
N LYS A 173 -23.41 -16.69 21.46
CA LYS A 173 -22.19 -16.14 22.05
C LYS A 173 -21.55 -15.09 21.14
N PHE A 174 -22.26 -14.70 20.07
CA PHE A 174 -21.78 -13.67 19.13
C PHE A 174 -22.84 -12.59 18.91
N ASP A 175 -22.41 -11.45 18.38
CA ASP A 175 -23.32 -10.33 18.08
C ASP A 175 -24.14 -10.61 16.84
N LYS A 176 -25.33 -10.03 16.78
CA LYS A 176 -26.21 -10.15 15.63
C LYS A 176 -26.43 -8.76 15.02
N LEU A 177 -26.32 -8.66 13.70
CA LEU A 177 -26.64 -7.44 12.95
C LEU A 177 -27.98 -7.61 12.26
N TYR A 178 -28.95 -6.78 12.66
CA TYR A 178 -30.27 -6.75 12.04
C TYR A 178 -30.44 -5.57 11.11
N ILE A 179 -30.93 -5.85 9.91
CA ILE A 179 -31.23 -4.83 8.90
C ILE A 179 -32.74 -4.81 8.70
N TRP A 180 -33.34 -3.62 8.81
CA TRP A 180 -34.79 -3.47 8.71
C TRP A 180 -35.11 -2.15 8.07
N GLY A 181 -36.39 -1.89 7.82
CA GLY A 181 -36.74 -0.70 7.09
C GLY A 181 -38.11 -0.15 7.39
N VAL A 182 -38.35 1.05 6.87
CA VAL A 182 -39.62 1.73 6.98
C VAL A 182 -40.07 2.10 5.57
N HIS A 183 -41.31 1.78 5.24
CA HIS A 183 -41.88 2.12 3.95
C HIS A 183 -42.57 3.46 4.04
N HIS A 184 -42.15 4.39 3.19
CA HIS A 184 -42.78 5.70 3.02
C HIS A 184 -43.69 5.68 1.81
N PRO A 185 -45.01 5.48 2.00
CA PRO A 185 -45.89 5.37 0.82
C PRO A 185 -46.06 6.69 0.05
N GLY A 186 -46.33 6.57 -1.25
CA GLY A 186 -46.50 7.75 -2.10
C GLY A 186 -47.73 8.58 -1.77
N THR A 187 -48.80 7.93 -1.33
CA THR A 187 -50.09 8.59 -1.06
C THR A 187 -50.81 8.05 0.17
N ASP A 188 -51.75 8.84 0.70
CA ASP A 188 -52.62 8.39 1.81
C ASP A 188 -53.42 7.14 1.42
N ASN A 189 -53.79 7.06 0.14
CA ASN A 189 -54.48 5.91 -0.42
C ASN A 189 -53.68 4.62 -0.26
N ASP A 190 -52.39 4.70 -0.58
CA ASP A 190 -51.50 3.54 -0.46
C ASP A 190 -51.28 3.17 1.00
N GLN A 191 -51.22 4.16 1.88
CA GLN A 191 -51.08 3.91 3.32
C GLN A 191 -52.22 3.03 3.81
N ILE A 192 -53.45 3.42 3.47
CA ILE A 192 -54.63 2.67 3.91
C ILE A 192 -54.72 1.32 3.22
N SER A 193 -54.50 1.31 1.90
CA SER A 193 -54.51 0.07 1.13
C SER A 193 -53.53 -0.97 1.67
N LEU A 194 -52.38 -0.51 2.18
CA LEU A 194 -51.34 -1.43 2.64
C LEU A 194 -51.43 -1.79 4.11
N TYR A 195 -51.68 -0.80 4.96
CA TYR A 195 -51.57 -0.99 6.42
C TYR A 195 -52.88 -0.76 7.19
N ALA A 196 -53.96 -0.50 6.46
CA ALA A 196 -55.33 -0.44 7.01
C ALA A 196 -55.62 0.78 7.88
N GLN A 197 -54.61 1.60 8.14
CA GLN A 197 -54.79 2.75 9.02
C GLN A 197 -53.73 3.81 8.77
N ALA A 198 -53.92 4.97 9.39
CA ALA A 198 -52.99 6.09 9.25
C ALA A 198 -51.59 5.70 9.74
N SER A 199 -50.57 6.31 9.16
CA SER A 199 -49.19 5.93 9.49
C SER A 199 -48.88 6.29 10.94
N GLY A 200 -47.96 5.53 11.51
CA GLY A 200 -47.52 5.74 12.88
C GLY A 200 -46.12 5.18 13.05
N ARG A 201 -45.47 5.60 14.13
CA ARG A 201 -44.05 5.32 14.33
C ARG A 201 -43.70 3.84 14.45
N ILE A 202 -42.45 3.51 14.13
CA ILE A 202 -41.88 2.18 14.34
C ILE A 202 -40.80 2.35 15.42
N THR A 203 -40.80 1.49 16.43
CA THR A 203 -39.74 1.50 17.45
C THR A 203 -39.06 0.15 17.54
N VAL A 204 -37.75 0.17 17.34
CA VAL A 204 -36.94 -1.03 17.43
C VAL A 204 -35.94 -0.79 18.54
N SER A 205 -35.96 -1.66 19.54
CA SER A 205 -35.17 -1.42 20.75
C SER A 205 -34.49 -2.66 21.29
N THR A 206 -33.53 -2.40 22.17
CA THR A 206 -32.85 -3.42 22.93
C THR A 206 -32.78 -2.88 24.36
N LYS A 207 -32.13 -3.63 25.25
CA LYS A 207 -31.86 -3.12 26.58
C LYS A 207 -31.00 -1.86 26.59
N ARG A 208 -30.16 -1.68 25.56
CA ARG A 208 -29.16 -0.60 25.54
C ARG A 208 -29.38 0.47 24.47
N SER A 209 -30.42 0.33 23.64
CA SER A 209 -30.63 1.26 22.55
C SER A 209 -32.07 1.31 22.11
N GLN A 210 -32.42 2.40 21.44
CA GLN A 210 -33.76 2.55 20.90
C GLN A 210 -33.70 3.41 19.64
N GLN A 211 -34.46 3.01 18.62
CA GLN A 211 -34.57 3.79 17.41
C GLN A 211 -36.04 3.87 17.04
N THR A 212 -36.56 5.09 16.96
CA THR A 212 -37.93 5.32 16.53
C THR A 212 -37.93 6.06 15.19
N VAL A 213 -38.69 5.55 14.24
CA VAL A 213 -38.77 6.14 12.91
C VAL A 213 -40.23 6.39 12.52
N ILE A 214 -40.49 7.57 11.96
CA ILE A 214 -41.82 7.99 11.54
C ILE A 214 -41.94 7.88 10.03
N PRO A 215 -42.87 7.05 9.53
CA PRO A 215 -43.11 7.06 8.08
C PRO A 215 -43.65 8.41 7.63
N ASN A 216 -43.18 8.89 6.48
CA ASN A 216 -43.61 10.17 5.93
C ASN A 216 -44.24 9.93 4.58
N ILE A 217 -45.57 10.07 4.51
CA ILE A 217 -46.31 9.82 3.28
C ILE A 217 -46.08 10.96 2.30
N GLY A 218 -45.89 10.62 1.03
CA GLY A 218 -45.70 11.64 0.00
C GLY A 218 -44.99 11.14 -1.25
N SER A 219 -45.25 11.80 -2.37
CA SER A 219 -44.58 11.51 -3.62
C SER A 219 -43.13 11.99 -3.60
N ARG A 220 -42.21 11.10 -3.95
CA ARG A 220 -40.86 11.49 -4.34
C ARG A 220 -40.78 11.32 -5.86
N PRO A 221 -39.76 11.91 -6.50
CA PRO A 221 -39.65 11.68 -7.94
C PRO A 221 -39.53 10.19 -8.24
N ARG A 222 -40.20 9.72 -9.28
CA ARG A 222 -40.25 8.29 -9.53
C ARG A 222 -38.88 7.72 -9.89
N VAL A 223 -38.58 6.57 -9.30
CA VAL A 223 -37.36 5.83 -9.58
C VAL A 223 -37.86 4.47 -10.02
N ARG A 224 -37.49 4.07 -11.24
CA ARG A 224 -38.01 2.84 -11.83
C ARG A 224 -39.52 2.78 -11.59
N ASP A 225 -40.17 3.91 -11.86
CA ASP A 225 -41.63 4.10 -11.79
C ASP A 225 -42.27 4.08 -10.41
N ILE A 226 -41.46 4.21 -9.35
CA ILE A 226 -41.97 4.13 -8.00
C ILE A 226 -41.73 5.45 -7.26
N PRO A 227 -42.80 6.12 -6.80
CA PRO A 227 -42.70 7.39 -6.06
C PRO A 227 -42.59 7.22 -4.54
N SER A 228 -42.74 5.99 -4.06
CA SER A 228 -42.56 5.66 -2.66
C SER A 228 -41.09 5.40 -2.38
N ARG A 229 -40.74 5.24 -1.10
CA ARG A 229 -39.37 4.91 -0.70
C ARG A 229 -39.37 3.97 0.49
N ILE A 230 -38.29 3.19 0.63
CA ILE A 230 -37.98 2.47 1.87
C ILE A 230 -36.71 3.10 2.48
N SER A 231 -36.75 3.42 3.76
CA SER A 231 -35.56 3.88 4.47
C SER A 231 -35.01 2.72 5.30
N ILE A 232 -33.71 2.47 5.20
CA ILE A 232 -33.08 1.31 5.82
C ILE A 232 -32.36 1.68 7.11
N TYR A 233 -32.55 0.86 8.14
CA TYR A 233 -31.93 1.05 9.44
C TYR A 233 -31.26 -0.24 9.89
N TRP A 234 -30.37 -0.14 10.89
CA TRP A 234 -29.74 -1.34 11.45
C TRP A 234 -29.60 -1.26 12.93
N THR A 235 -29.55 -2.43 13.53
CA THR A 235 -29.45 -2.59 14.98
C THR A 235 -28.54 -3.77 15.28
N ILE A 236 -27.57 -3.57 16.18
CA ILE A 236 -26.70 -4.67 16.58
C ILE A 236 -27.15 -5.15 17.95
N VAL A 237 -27.34 -6.45 18.11
CA VAL A 237 -27.82 -7.01 19.38
C VAL A 237 -26.77 -7.93 20.01
N LYS A 238 -26.35 -7.59 21.21
CA LYS A 238 -25.32 -8.32 21.96
C LYS A 238 -25.87 -9.60 22.55
N PRO A 239 -24.98 -10.58 22.84
CA PRO A 239 -25.37 -11.75 23.61
C PRO A 239 -26.03 -11.33 24.91
N GLY A 240 -27.14 -11.98 25.25
CA GLY A 240 -27.85 -11.69 26.48
C GLY A 240 -28.81 -10.52 26.35
N ASP A 241 -28.77 -9.81 25.24
CA ASP A 241 -29.73 -8.75 24.97
C ASP A 241 -30.86 -9.32 24.09
N ILE A 242 -31.84 -8.46 23.79
CA ILE A 242 -33.08 -8.85 23.16
C ILE A 242 -33.50 -7.77 22.17
N LEU A 243 -33.85 -8.17 20.96
CA LEU A 243 -34.47 -7.26 20.00
C LEU A 243 -35.97 -7.20 20.25
N LEU A 244 -36.52 -5.99 20.28
CA LEU A 244 -37.96 -5.79 20.36
C LEU A 244 -38.39 -4.88 19.22
N ILE A 245 -39.35 -5.36 18.42
CA ILE A 245 -39.90 -4.59 17.31
C ILE A 245 -41.36 -4.26 17.61
N ASN A 246 -41.71 -2.97 17.54
CA ASN A 246 -43.02 -2.44 17.97
C ASN A 246 -43.52 -1.52 16.85
N SER A 247 -44.64 -1.88 16.22
CA SER A 247 -45.11 -1.18 15.03
C SER A 247 -46.60 -1.36 14.80
N THR A 248 -47.20 -0.37 14.14
CA THR A 248 -48.61 -0.41 13.73
C THR A 248 -48.77 -0.20 12.22
N GLY A 249 -47.70 -0.39 11.47
CA GLY A 249 -47.73 -0.25 10.01
C GLY A 249 -46.38 0.18 9.47
N ASN A 250 -46.19 -0.02 8.17
CA ASN A 250 -45.04 0.50 7.43
C ASN A 250 -43.70 -0.18 7.72
N LEU A 251 -43.73 -1.27 8.50
CA LEU A 251 -42.53 -2.01 8.87
C LEU A 251 -42.08 -2.90 7.72
N ILE A 252 -40.81 -2.76 7.33
CA ILE A 252 -40.17 -3.71 6.44
C ILE A 252 -39.28 -4.56 7.36
N ALA A 253 -39.73 -5.77 7.66
CA ALA A 253 -39.19 -6.56 8.75
C ALA A 253 -37.93 -7.35 8.35
N PRO A 254 -37.03 -7.61 9.32
CA PRO A 254 -35.90 -8.50 9.07
C PRO A 254 -36.38 -9.96 9.01
N ARG A 255 -35.68 -10.80 8.25
CA ARG A 255 -35.97 -12.24 8.21
C ARG A 255 -35.01 -13.04 9.11
N GLY A 256 -34.13 -12.32 9.79
CA GLY A 256 -33.06 -12.93 10.56
C GLY A 256 -31.93 -11.95 10.73
N TYR A 257 -30.73 -12.46 10.97
CA TYR A 257 -29.60 -11.58 11.25
C TYR A 257 -28.36 -11.94 10.45
N PHE A 258 -27.51 -10.95 10.30
CA PHE A 258 -26.19 -11.15 9.72
C PHE A 258 -25.22 -11.40 10.85
N LYS A 259 -24.29 -12.31 10.62
CA LYS A 259 -23.16 -12.43 11.49
C LYS A 259 -22.36 -11.15 11.31
N ILE A 260 -21.75 -10.70 12.40
CA ILE A 260 -20.83 -9.60 12.29
C ILE A 260 -19.48 -10.08 12.87
N ARG A 261 -18.46 -10.03 12.03
CA ARG A 261 -17.13 -10.53 12.40
C ARG A 261 -16.16 -9.37 12.49
N SER A 262 -14.98 -9.62 13.05
CA SER A 262 -13.91 -8.63 12.99
C SER A 262 -12.69 -9.26 12.35
N GLY A 263 -11.99 -8.47 11.57
CA GLY A 263 -10.77 -8.92 10.96
C GLY A 263 -10.31 -7.88 9.98
N LYS A 264 -9.70 -8.35 8.90
CA LYS A 264 -8.93 -7.49 8.03
C LYS A 264 -9.65 -7.16 6.72
N SER A 265 -10.97 -7.31 6.66
CA SER A 265 -11.70 -7.08 5.41
C SER A 265 -11.94 -5.59 5.12
N SER A 266 -12.10 -5.26 3.84
CA SER A 266 -12.39 -3.91 3.41
C SER A 266 -13.16 -3.93 2.08
N ILE A 267 -13.35 -2.75 1.51
CA ILE A 267 -14.08 -2.53 0.28
C ILE A 267 -13.31 -1.48 -0.51
N MET A 268 -13.32 -1.61 -1.82
CA MET A 268 -12.63 -0.67 -2.69
C MET A 268 -13.45 -0.42 -3.93
N ARG A 269 -13.45 0.84 -4.35
CA ARG A 269 -14.07 1.23 -5.62
C ARG A 269 -13.02 1.14 -6.72
N SER A 270 -13.31 0.32 -7.74
CA SER A 270 -12.38 0.14 -8.85
C SER A 270 -13.09 -0.46 -10.05
N ASP A 271 -12.67 -0.05 -11.23
CA ASP A 271 -13.09 -0.72 -12.47
C ASP A 271 -12.03 -1.64 -13.08
N ALA A 272 -10.97 -1.94 -12.33
CA ALA A 272 -9.89 -2.79 -12.83
C ALA A 272 -10.39 -4.22 -12.96
N PRO A 273 -10.04 -4.88 -14.08
CA PRO A 273 -10.44 -6.30 -14.19
C PRO A 273 -9.73 -7.17 -13.16
N ILE A 274 -10.39 -8.26 -12.75
CA ILE A 274 -9.77 -9.23 -11.85
C ILE A 274 -9.02 -10.25 -12.68
N GLY A 275 -7.74 -10.45 -12.37
CA GLY A 275 -6.91 -11.44 -13.07
C GLY A 275 -6.54 -12.65 -12.22
N LYS A 276 -6.14 -13.72 -12.91
CA LYS A 276 -5.66 -14.91 -12.24
C LYS A 276 -4.16 -14.74 -12.07
N CYS A 277 -3.77 -14.18 -10.95
CA CYS A 277 -2.37 -13.87 -10.66
C CYS A 277 -2.26 -13.62 -9.17
N ASN A 278 -1.04 -13.39 -8.70
CA ASN A 278 -0.76 -13.30 -7.27
C ASN A 278 0.02 -12.02 -6.96
N SER A 279 -0.57 -11.12 -6.18
CA SER A 279 0.10 -9.89 -5.77
C SER A 279 -0.45 -9.41 -4.43
N GLU A 280 0.45 -9.02 -3.53
CA GLU A 280 0.05 -8.64 -2.17
C GLU A 280 -0.65 -7.27 -2.06
N CYS A 281 -0.29 -6.33 -2.92
CA CYS A 281 -0.78 -4.95 -2.83
C CYS A 281 -1.81 -4.64 -3.89
N ILE A 282 -2.99 -4.21 -3.45
CA ILE A 282 -4.08 -3.85 -4.35
C ILE A 282 -4.33 -2.34 -4.28
N THR A 283 -4.45 -1.72 -5.44
CA THR A 283 -4.92 -0.34 -5.56
C THR A 283 -6.10 -0.33 -6.54
N PRO A 284 -6.85 0.78 -6.61
CA PRO A 284 -7.94 0.90 -7.59
C PRO A 284 -7.47 0.81 -9.04
N ASN A 285 -6.19 1.11 -9.27
CA ASN A 285 -5.62 1.03 -10.62
C ASN A 285 -5.22 -0.39 -10.99
N GLY A 286 -5.31 -1.30 -10.03
CA GLY A 286 -4.78 -2.64 -10.17
C GLY A 286 -3.75 -2.96 -9.09
N SER A 287 -3.34 -4.22 -9.06
CA SER A 287 -2.31 -4.65 -8.13
C SER A 287 -0.98 -4.04 -8.52
N ILE A 288 -0.13 -3.77 -7.54
CA ILE A 288 1.19 -3.24 -7.84
C ILE A 288 2.23 -4.05 -7.11
N PRO A 289 3.42 -4.17 -7.70
CA PRO A 289 4.50 -4.81 -6.98
C PRO A 289 4.81 -4.08 -5.68
N ASN A 290 5.26 -4.80 -4.67
CA ASN A 290 5.56 -4.20 -3.38
C ASN A 290 7.01 -4.32 -2.94
N ASP A 291 7.91 -4.42 -3.91
CA ASP A 291 9.34 -4.48 -3.61
C ASP A 291 9.81 -3.10 -3.09
N LYS A 292 9.30 -2.04 -3.70
CA LYS A 292 9.76 -0.69 -3.34
C LYS A 292 9.07 -0.15 -2.08
N PRO A 293 9.74 0.77 -1.38
CA PRO A 293 9.15 1.23 -0.11
C PRO A 293 8.05 2.28 -0.28
N PHE A 294 8.06 2.96 -1.42
CA PHE A 294 7.11 4.04 -1.74
C PHE A 294 6.41 3.78 -3.07
N GLN A 295 5.31 4.48 -3.30
CA GLN A 295 4.55 4.38 -4.53
C GLN A 295 3.77 5.65 -4.77
N ASN A 296 3.54 5.96 -6.04
CA ASN A 296 2.82 7.15 -6.48
CA ASN A 296 2.74 7.13 -6.38
C ASN A 296 1.59 6.76 -7.32
N VAL A 297 1.16 5.51 -7.22
CA VAL A 297 0.05 5.00 -8.03
C VAL A 297 -1.30 5.47 -7.48
N ASN A 298 -1.55 5.27 -6.19
CA ASN A 298 -2.84 5.63 -5.60
C ASN A 298 -2.72 5.69 -4.08
N ARG A 299 -3.33 6.70 -3.48
CA ARG A 299 -3.33 6.72 -2.02
CA ARG A 299 -3.41 6.80 -2.03
C ARG A 299 -4.32 5.73 -1.41
N ILE A 300 -5.20 5.16 -2.24
CA ILE A 300 -6.08 4.07 -1.79
C ILE A 300 -5.33 2.74 -2.00
N THR A 301 -5.10 1.99 -0.92
CA THR A 301 -4.39 0.71 -0.97
C THR A 301 -5.01 -0.32 -0.03
N TYR A 302 -4.77 -1.58 -0.34
CA TYR A 302 -5.14 -2.71 0.52
C TYR A 302 -4.03 -3.74 0.45
N GLY A 303 -3.59 -4.21 1.61
CA GLY A 303 -2.58 -5.25 1.70
C GLY A 303 -1.21 -4.72 2.04
N ALA A 304 -0.19 -5.55 1.81
CA ALA A 304 1.21 -5.15 2.06
C ALA A 304 1.67 -4.25 0.94
N CYS A 305 1.57 -2.93 1.15
CA CYS A 305 1.79 -1.96 0.09
C CYS A 305 2.90 -0.96 0.39
N PRO A 306 3.62 -0.51 -0.65
CA PRO A 306 4.47 0.67 -0.46
C PRO A 306 3.64 1.86 0.02
N ARG A 307 4.29 2.79 0.71
CA ARG A 307 3.60 3.97 1.19
C ARG A 307 3.45 5.01 0.07
N TYR A 308 2.26 5.61 0.00
CA TYR A 308 1.98 6.64 -0.99
C TYR A 308 2.75 7.93 -0.73
N VAL A 309 3.45 8.42 -1.75
CA VAL A 309 4.12 9.69 -1.68
C VAL A 309 3.80 10.50 -2.95
N LYS A 310 4.07 11.80 -2.89
CA LYS A 310 3.81 12.68 -4.03
C LYS A 310 4.85 12.60 -5.13
N GLN A 311 6.09 12.25 -4.77
CA GLN A 311 7.17 12.14 -5.75
C GLN A 311 6.88 11.05 -6.77
N ASN A 312 7.25 11.28 -8.03
CA ASN A 312 7.10 10.21 -9.03
C ASN A 312 8.38 9.38 -9.22
N THR A 313 9.47 9.81 -8.58
CA THR A 313 10.74 9.11 -8.62
C THR A 313 11.60 9.54 -7.42
N LEU A 314 12.28 8.58 -6.81
CA LEU A 314 13.33 8.82 -5.83
C LEU A 314 14.40 7.78 -6.06
N LYS A 315 15.58 8.20 -6.51
CA LYS A 315 16.63 7.26 -6.86
C LYS A 315 17.62 7.07 -5.71
N LEU A 316 17.80 5.82 -5.29
CA LEU A 316 18.73 5.44 -4.24
C LEU A 316 20.04 5.03 -4.91
N ALA A 317 21.13 5.70 -4.55
CA ALA A 317 22.45 5.34 -5.05
C ALA A 317 22.80 3.91 -4.63
N THR A 318 23.31 3.12 -5.58
CA THR A 318 23.79 1.78 -5.28
C THR A 318 25.25 1.61 -5.73
N GLY A 319 25.94 2.73 -5.87
CA GLY A 319 27.36 2.73 -6.22
C GLY A 319 27.96 4.07 -5.88
N MET A 320 29.27 4.18 -6.10
CA MET A 320 30.03 5.35 -5.72
C MET A 320 29.87 6.48 -6.74
N ARG A 321 30.41 7.66 -6.42
CA ARG A 321 30.46 8.75 -7.37
C ARG A 321 31.11 8.27 -8.67
N ASN A 322 30.54 8.68 -9.80
CA ASN A 322 31.07 8.31 -11.11
C ASN A 322 31.90 9.45 -11.66
N VAL A 323 33.18 9.19 -11.91
CA VAL A 323 34.12 10.24 -12.23
C VAL A 323 34.88 9.84 -13.50
N PRO A 324 34.69 10.61 -14.58
CA PRO A 324 35.39 10.41 -15.86
C PRO A 324 36.89 10.13 -15.71
N GLU A 325 37.43 9.33 -16.62
CA GLU A 325 38.88 9.12 -16.67
C GLU A 325 39.55 10.26 -17.46
N LYS A 326 40.62 10.81 -16.90
CA LYS A 326 41.37 11.90 -17.54
C LYS A 326 42.23 11.32 -18.65
N GLN A 327 42.33 12.05 -19.77
CA GLN A 327 43.07 11.57 -20.95
C GLN A 327 44.60 11.68 -20.78
N THR A 328 45.29 10.70 -21.35
CA THR A 328 46.76 10.62 -21.27
C THR A 328 47.40 11.37 -22.44
N ALA A 334 51.52 8.28 -18.51
CA ALA A 334 51.78 7.96 -17.12
C ALA A 334 50.48 7.61 -16.40
N ILE A 335 50.49 6.51 -15.65
CA ILE A 335 49.33 6.11 -14.86
C ILE A 335 48.99 7.15 -13.78
N ALA A 336 47.76 7.12 -13.28
CA ALA A 336 47.34 8.05 -12.25
C ALA A 336 46.27 7.42 -11.38
N GLY A 337 46.14 7.95 -10.17
CA GLY A 337 45.26 7.40 -9.13
C GLY A 337 43.96 8.17 -9.02
N PHE A 338 43.27 7.95 -7.89
CA PHE A 338 41.90 8.41 -7.73
C PHE A 338 41.69 9.92 -7.62
N ILE A 339 42.75 10.70 -7.41
CA ILE A 339 42.58 12.16 -7.27
C ILE A 339 42.00 12.73 -8.58
N GLU A 340 40.76 13.24 -8.48
CA GLU A 340 39.96 13.72 -9.64
C GLU A 340 39.98 12.80 -10.87
N ASN A 341 39.80 11.50 -10.68
CA ASN A 341 40.02 10.53 -11.75
C ASN A 341 39.51 9.11 -11.47
N GLY A 342 38.52 8.63 -12.20
CA GLY A 342 38.10 7.22 -12.11
C GLY A 342 38.66 6.36 -13.24
N TRP A 343 38.56 5.04 -13.09
CA TRP A 343 39.15 4.09 -14.05
C TRP A 343 38.08 3.29 -14.76
N GLU A 344 37.74 3.66 -15.98
CA GLU A 344 36.69 2.93 -16.69
C GLU A 344 37.11 1.51 -17.03
N GLY A 345 38.42 1.32 -17.21
CA GLY A 345 38.96 -0.01 -17.50
C GLY A 345 39.01 -0.99 -16.34
N MET A 346 38.66 -0.56 -15.12
CA MET A 346 38.60 -1.53 -14.03
C MET A 346 37.21 -2.12 -13.92
N VAL A 347 37.09 -3.39 -14.30
CA VAL A 347 35.79 -4.04 -14.45
C VAL A 347 35.58 -5.23 -13.51
N ASP A 348 36.63 -5.70 -12.82
CA ASP A 348 36.51 -6.84 -11.91
C ASP A 348 36.58 -6.44 -10.44
N GLY A 349 36.51 -5.14 -10.18
CA GLY A 349 36.45 -4.63 -8.82
C GLY A 349 36.03 -3.18 -8.81
N TRP A 350 35.73 -2.67 -7.63
CA TRP A 350 35.37 -1.26 -7.45
C TRP A 350 36.55 -0.41 -7.10
N TYR A 351 37.54 -1.02 -6.44
CA TYR A 351 38.76 -0.34 -6.06
C TYR A 351 39.93 -1.23 -6.46
N GLY A 352 41.09 -0.63 -6.63
CA GLY A 352 42.28 -1.44 -6.89
C GLY A 352 43.55 -0.64 -7.09
N PHE A 353 44.52 -1.32 -7.68
CA PHE A 353 45.87 -0.84 -7.83
C PHE A 353 46.27 -0.83 -9.30
N ARG A 354 46.99 0.20 -9.72
CA ARG A 354 47.75 0.17 -10.97
C ARG A 354 49.21 0.46 -10.67
N HIS A 355 50.10 -0.22 -11.40
CA HIS A 355 51.52 -0.05 -11.15
C HIS A 355 52.29 0.08 -12.41
N GLN A 356 53.45 0.71 -12.29
CA GLN A 356 54.44 0.71 -13.33
C GLN A 356 55.77 0.31 -12.70
N ASN A 357 56.40 -0.72 -13.26
CA ASN A 357 57.69 -1.19 -12.76
C ASN A 357 58.52 -1.70 -13.95
N SER A 358 59.61 -2.40 -13.64
CA SER A 358 60.51 -3.00 -14.64
C SER A 358 59.85 -3.98 -15.59
N GLU A 359 58.69 -4.52 -15.22
CA GLU A 359 58.04 -5.59 -15.96
C GLU A 359 56.80 -5.14 -16.74
N GLY A 360 56.45 -3.85 -16.63
CA GLY A 360 55.33 -3.28 -17.39
C GLY A 360 54.39 -2.45 -16.54
N ILE A 361 53.16 -2.30 -17.04
CA ILE A 361 52.11 -1.54 -16.36
C ILE A 361 50.93 -2.48 -16.15
N GLY A 362 50.48 -2.58 -14.91
CA GLY A 362 49.47 -3.58 -14.56
C GLY A 362 48.37 -3.02 -13.68
N GLN A 363 47.29 -3.78 -13.59
CA GLN A 363 46.12 -3.43 -12.78
C GLN A 363 45.67 -4.66 -12.01
N ALA A 364 45.22 -4.46 -10.78
CA ALA A 364 44.57 -5.52 -10.01
C ALA A 364 43.48 -4.93 -9.11
N ALA A 365 42.34 -5.59 -9.06
CA ALA A 365 41.26 -5.21 -8.16
C ALA A 365 41.58 -5.59 -6.73
N ASP A 366 41.14 -4.76 -5.77
CA ASP A 366 41.25 -5.07 -4.34
C ASP A 366 39.90 -5.62 -3.89
N LEU A 367 39.89 -6.90 -3.50
CA LEU A 367 38.64 -7.60 -3.22
C LEU A 367 38.01 -7.11 -1.93
N LYS A 368 38.85 -6.92 -0.90
CA LYS A 368 38.37 -6.57 0.44
C LYS A 368 37.57 -5.26 0.44
N SER A 369 38.16 -4.23 -0.15
CA SER A 369 37.53 -2.90 -0.17
C SER A 369 36.27 -2.92 -1.04
N THR A 370 36.35 -3.61 -2.17
CA THR A 370 35.20 -3.77 -3.03
C THR A 370 34.04 -4.44 -2.28
N GLN A 371 34.34 -5.51 -1.57
CA GLN A 371 33.29 -6.23 -0.85
C GLN A 371 32.73 -5.47 0.35
N ALA A 372 33.58 -4.70 1.02
CA ALA A 372 33.11 -3.84 2.12
C ALA A 372 32.04 -2.87 1.65
N ALA A 373 32.29 -2.22 0.50
CA ALA A 373 31.32 -1.28 -0.07
C ALA A 373 30.04 -1.98 -0.51
N ILE A 374 30.20 -3.09 -1.23
CA ILE A 374 29.05 -3.82 -1.75
C ILE A 374 28.17 -4.34 -0.61
N ASN A 375 28.81 -4.88 0.43
CA ASN A 375 28.06 -5.40 1.58
C ASN A 375 27.22 -4.34 2.28
N GLN A 376 27.77 -3.14 2.41
CA GLN A 376 27.04 -2.05 3.06
C GLN A 376 25.88 -1.59 2.21
N ILE A 377 26.09 -1.49 0.91
CA ILE A 377 25.01 -1.11 -0.01
C ILE A 377 23.91 -2.18 -0.04
N ASN A 378 24.30 -3.45 -0.04
CA ASN A 378 23.31 -4.53 0.01
C ASN A 378 22.54 -4.51 1.32
N GLY A 379 23.22 -4.12 2.40
CA GLY A 379 22.58 -3.92 3.70
C GLY A 379 21.45 -2.90 3.69
N LYS A 380 21.69 -1.73 3.11
CA LYS A 380 20.62 -0.73 3.05
C LYS A 380 19.54 -1.14 2.07
N LEU A 381 19.90 -1.83 0.99
CA LEU A 381 18.86 -2.37 0.11
C LEU A 381 17.97 -3.35 0.87
N ASN A 382 18.56 -4.21 1.71
CA ASN A 382 17.77 -5.18 2.45
CA ASN A 382 17.78 -5.18 2.47
C ASN A 382 16.81 -4.50 3.46
N ARG A 383 17.17 -3.32 3.94
CA ARG A 383 16.29 -2.57 4.85
C ARG A 383 15.13 -1.91 4.12
N LEU A 384 15.33 -1.60 2.85
CA LEU A 384 14.39 -0.78 2.07
C LEU A 384 13.56 -1.57 1.08
N ILE A 385 14.07 -2.70 0.60
CA ILE A 385 13.40 -3.46 -0.45
C ILE A 385 12.69 -4.68 0.13
N GLY A 386 11.42 -4.84 -0.24
CA GLY A 386 10.64 -6.00 0.17
C GLY A 386 10.23 -5.99 1.63
N LYS A 387 10.05 -4.81 2.22
CA LYS A 387 9.77 -4.69 3.64
C LYS A 387 8.48 -3.90 3.93
N THR A 388 7.53 -3.93 3.01
CA THR A 388 6.31 -3.15 3.17
C THR A 388 5.46 -3.76 4.27
N ASN A 389 4.64 -2.91 4.87
CA ASN A 389 3.75 -3.30 5.95
CA ASN A 389 3.74 -3.34 5.93
C ASN A 389 2.29 -3.29 5.47
N GLU A 390 1.47 -4.16 6.06
CA GLU A 390 0.08 -4.28 5.67
C GLU A 390 -0.87 -3.26 6.32
N LYS A 391 -1.77 -2.71 5.53
CA LYS A 391 -2.94 -1.98 6.04
C LYS A 391 -4.21 -2.51 5.37
N PHE A 392 -5.32 -2.43 6.08
CA PHE A 392 -6.55 -3.06 5.63
C PHE A 392 -7.65 -2.01 5.50
N HIS A 393 -8.68 -2.08 6.33
CA HIS A 393 -9.76 -1.09 6.23
C HIS A 393 -9.28 0.21 6.82
N GLN A 394 -9.49 1.29 6.09
CA GLN A 394 -8.97 2.61 6.50
CA GLN A 394 -8.98 2.61 6.52
C GLN A 394 -10.10 3.66 6.51
N ILE A 395 -9.94 4.76 5.79
CA ILE A 395 -10.99 5.75 5.60
C ILE A 395 -11.16 5.89 4.10
N GLU A 396 -12.30 6.42 3.68
CA GLU A 396 -12.51 6.77 2.29
C GLU A 396 -11.68 7.99 1.92
N LYS A 397 -11.26 8.04 0.66
CA LYS A 397 -10.35 9.07 0.20
C LYS A 397 -10.79 9.73 -1.10
N GLU A 398 -11.92 9.29 -1.66
CA GLU A 398 -12.57 9.93 -2.80
C GLU A 398 -14.06 9.99 -2.47
N PHE A 399 -14.74 11.03 -2.94
CA PHE A 399 -16.14 11.30 -2.55
C PHE A 399 -16.96 11.77 -3.73
N SER A 400 -18.14 11.19 -3.89
CA SER A 400 -19.04 11.53 -5.02
C SER A 400 -20.02 12.66 -4.70
N GLU A 401 -20.20 12.97 -3.41
CA GLU A 401 -21.11 14.03 -2.98
C GLU A 401 -20.39 15.03 -2.11
N VAL A 402 -20.89 16.26 -2.13
CA VAL A 402 -20.43 17.32 -1.25
C VAL A 402 -21.07 17.15 0.13
N GLU A 403 -20.28 17.22 1.19
CA GLU A 403 -20.80 16.97 2.55
C GLU A 403 -20.40 17.95 3.65
N GLY A 404 -19.31 18.67 3.46
CA GLY A 404 -18.84 19.64 4.44
C GLY A 404 -17.94 19.03 5.51
N ARG A 405 -18.27 19.31 6.77
CA ARG A 405 -17.33 19.16 7.90
C ARG A 405 -16.61 17.82 8.01
N ILE A 406 -17.33 16.71 7.97
CA ILE A 406 -16.72 15.38 8.14
CA ILE A 406 -16.68 15.42 8.17
C ILE A 406 -15.77 15.08 6.98
N GLN A 407 -16.23 15.38 5.76
CA GLN A 407 -15.42 15.17 4.59
C GLN A 407 -14.17 16.07 4.55
N ASP A 408 -14.31 17.32 4.98
CA ASP A 408 -13.17 18.21 5.11
C ASP A 408 -12.09 17.55 6.01
N LEU A 409 -12.53 16.96 7.11
CA LEU A 409 -11.60 16.36 8.07
C LEU A 409 -10.97 15.10 7.50
N GLU A 410 -11.75 14.26 6.83
CA GLU A 410 -11.20 13.06 6.18
C GLU A 410 -10.13 13.43 5.14
N LYS A 411 -10.41 14.45 4.34
CA LYS A 411 -9.47 14.88 3.33
C LYS A 411 -8.19 15.49 3.96
N TYR A 412 -8.35 16.26 5.02
CA TYR A 412 -7.22 16.92 5.68
C TYR A 412 -6.32 15.89 6.36
N VAL A 413 -6.92 14.91 7.00
CA VAL A 413 -6.14 13.83 7.62
C VAL A 413 -5.23 13.16 6.58
N GLU A 414 -5.81 12.84 5.43
CA GLU A 414 -5.08 12.13 4.40
C GLU A 414 -4.00 13.00 3.76
N ASP A 415 -4.34 14.26 3.48
CA ASP A 415 -3.35 15.21 2.92
C ASP A 415 -2.18 15.40 3.88
N THR A 416 -2.50 15.51 5.17
CA THR A 416 -1.52 15.67 6.22
C THR A 416 -0.55 14.49 6.23
N LYS A 417 -1.11 13.29 6.22
CA LYS A 417 -0.34 12.03 6.22
C LYS A 417 0.58 11.95 5.02
N ILE A 418 0.03 12.23 3.84
CA ILE A 418 0.83 12.12 2.60
C ILE A 418 2.00 13.11 2.57
N ASP A 419 1.77 14.35 3.02
CA ASP A 419 2.85 15.31 3.02
C ASP A 419 3.95 14.89 4.00
N LEU A 420 3.56 14.33 5.15
CA LEU A 420 4.57 13.90 6.12
C LEU A 420 5.40 12.71 5.61
N TRP A 421 4.75 11.74 4.98
CA TRP A 421 5.49 10.62 4.37
C TRP A 421 6.34 11.05 3.18
N SER A 422 5.83 12.00 2.39
CA SER A 422 6.59 12.51 1.25
C SER A 422 7.88 13.20 1.73
N TYR A 423 7.77 13.95 2.83
CA TYR A 423 8.93 14.56 3.47
C TYR A 423 9.89 13.47 3.96
N ASN A 424 9.38 12.49 4.71
CA ASN A 424 10.26 11.39 5.20
C ASN A 424 11.01 10.71 4.07
N ALA A 425 10.31 10.45 2.97
CA ALA A 425 10.91 9.80 1.80
C ALA A 425 12.03 10.66 1.20
N GLU A 426 11.76 11.96 1.01
CA GLU A 426 12.76 12.87 0.47
C GLU A 426 14.01 12.93 1.35
N LEU A 427 13.82 13.08 2.65
CA LEU A 427 14.95 13.16 3.58
C LEU A 427 15.72 11.82 3.66
N LEU A 428 14.98 10.71 3.68
CA LEU A 428 15.58 9.36 3.79
C LEU A 428 16.54 9.12 2.64
N VAL A 429 16.08 9.41 1.43
CA VAL A 429 16.88 9.11 0.25
C VAL A 429 18.10 10.03 0.19
N ALA A 430 17.93 11.31 0.52
CA ALA A 430 19.07 12.23 0.57
C ALA A 430 20.12 11.79 1.61
N LEU A 431 19.66 11.40 2.79
CA LEU A 431 20.56 10.91 3.85
C LEU A 431 21.26 9.61 3.47
N GLU A 432 20.52 8.64 2.96
CA GLU A 432 21.12 7.39 2.52
C GLU A 432 22.13 7.60 1.40
N ASN A 433 21.81 8.46 0.43
CA ASN A 433 22.69 8.70 -0.70
C ASN A 433 23.99 9.40 -0.23
N GLN A 434 23.86 10.34 0.68
CA GLN A 434 25.03 10.96 1.29
C GLN A 434 25.90 9.91 1.99
N HIS A 435 25.25 9.01 2.71
CA HIS A 435 25.96 7.96 3.42
C HIS A 435 26.66 7.01 2.47
N THR A 436 26.03 6.71 1.34
CA THR A 436 26.63 5.82 0.33
C THR A 436 27.86 6.48 -0.32
N ILE A 437 27.75 7.76 -0.65
CA ILE A 437 28.89 8.49 -1.19
C ILE A 437 30.00 8.51 -0.14
N ASP A 438 29.65 8.83 1.10
CA ASP A 438 30.64 8.84 2.20
C ASP A 438 31.33 7.50 2.42
N LEU A 439 30.58 6.40 2.46
CA LEU A 439 31.15 5.07 2.71
C LEU A 439 32.03 4.60 1.55
N THR A 440 31.65 4.94 0.32
CA THR A 440 32.44 4.53 -0.84
C THR A 440 33.70 5.39 -0.97
N ASP A 441 33.60 6.68 -0.69
CA ASP A 441 34.78 7.53 -0.60
C ASP A 441 35.71 6.98 0.48
N SER A 442 35.11 6.59 1.62
CA SER A 442 35.91 6.12 2.75
C SER A 442 36.74 4.88 2.42
N GLU A 443 36.15 3.90 1.75
CA GLU A 443 36.91 2.69 1.36
C GLU A 443 38.11 3.02 0.49
N MET A 444 37.98 4.02 -0.39
CA MET A 444 39.11 4.46 -1.23
C MET A 444 40.19 5.06 -0.34
N ASN A 445 39.78 5.95 0.56
CA ASN A 445 40.74 6.61 1.44
C ASN A 445 41.45 5.62 2.34
N LYS A 446 40.70 4.68 2.90
CA LYS A 446 41.28 3.66 3.76
C LYS A 446 42.32 2.80 3.03
N LEU A 447 42.01 2.44 1.78
CA LEU A 447 42.93 1.63 0.97
C LEU A 447 44.22 2.40 0.74
N PHE A 448 44.10 3.69 0.42
CA PHE A 448 45.28 4.52 0.21
C PHE A 448 46.11 4.64 1.49
N GLU A 449 45.42 4.84 2.62
CA GLU A 449 46.11 4.98 3.90
C GLU A 449 46.83 3.71 4.31
N ARG A 450 46.17 2.56 4.18
CA ARG A 450 46.80 1.26 4.47
C ARG A 450 48.09 1.07 3.67
N THR A 451 48.04 1.45 2.40
CA THR A 451 49.18 1.27 1.50
C THR A 451 50.32 2.18 1.91
N LYS A 452 50.00 3.43 2.20
CA LYS A 452 50.96 4.40 2.69
C LYS A 452 51.69 3.87 3.93
N LYS A 453 50.93 3.26 4.83
CA LYS A 453 51.52 2.78 6.09
C LYS A 453 52.48 1.61 5.82
N GLN A 454 52.11 0.72 4.91
CA GLN A 454 52.97 -0.43 4.56
C GLN A 454 54.32 0.05 4.03
N LEU A 455 54.27 1.10 3.20
CA LEU A 455 55.47 1.56 2.48
C LEU A 455 56.48 2.26 3.36
N ARG A 456 56.04 2.81 4.49
CA ARG A 456 56.95 3.46 5.45
C ARG A 456 57.81 4.52 4.76
N GLU A 457 59.13 4.43 4.89
CA GLU A 457 60.04 5.42 4.33
C GLU A 457 60.50 5.06 2.93
N ASN A 458 59.88 4.05 2.32
CA ASN A 458 60.32 3.56 1.02
C ASN A 458 59.62 4.20 -0.16
N ALA A 459 58.66 5.08 0.11
CA ALA A 459 57.85 5.69 -0.93
C ALA A 459 57.45 7.11 -0.56
N GLU A 460 57.16 7.93 -1.57
CA GLU A 460 56.56 9.25 -1.35
C GLU A 460 55.23 9.38 -2.09
N ASP A 461 54.33 10.13 -1.47
CA ASP A 461 53.03 10.46 -2.05
C ASP A 461 53.18 11.50 -3.18
N MET A 462 52.81 11.11 -4.39
CA MET A 462 52.94 12.00 -5.56
C MET A 462 51.79 13.00 -5.72
N GLY A 463 50.76 12.90 -4.87
CA GLY A 463 49.67 13.88 -4.84
C GLY A 463 48.51 13.58 -5.77
N ASN A 464 48.61 12.47 -6.53
CA ASN A 464 47.60 12.12 -7.54
C ASN A 464 46.95 10.77 -7.23
N GLY A 465 47.04 10.34 -5.97
CA GLY A 465 46.62 9.00 -5.57
C GLY A 465 47.64 7.91 -5.84
N CYS A 466 48.89 8.28 -6.13
CA CYS A 466 49.95 7.32 -6.40
C CYS A 466 51.14 7.54 -5.49
N PHE A 467 51.87 6.46 -5.27
CA PHE A 467 53.15 6.48 -4.60
C PHE A 467 54.30 6.29 -5.59
N LYS A 468 55.35 7.07 -5.40
CA LYS A 468 56.64 6.80 -6.02
C LYS A 468 57.41 5.92 -5.05
N ILE A 469 57.66 4.69 -5.47
CA ILE A 469 58.39 3.71 -4.67
C ILE A 469 59.85 3.80 -5.09
N TYR A 470 60.73 4.09 -4.14
CA TYR A 470 62.12 4.43 -4.45
C TYR A 470 63.06 3.21 -4.46
N HIS A 471 62.55 2.07 -4.88
CA HIS A 471 63.38 0.88 -5.10
C HIS A 471 62.82 0.06 -6.20
N LYS A 472 63.62 -0.85 -6.74
CA LYS A 472 63.15 -1.77 -7.75
C LYS A 472 62.04 -2.62 -7.12
N CYS A 473 60.87 -2.64 -7.74
CA CYS A 473 59.72 -3.34 -7.15
C CYS A 473 59.02 -4.09 -8.26
N ASP A 474 59.46 -5.33 -8.46
CA ASP A 474 58.99 -6.17 -9.55
C ASP A 474 57.56 -6.66 -9.28
N ASN A 475 57.05 -7.51 -10.15
CA ASN A 475 55.66 -7.94 -10.04
C ASN A 475 55.33 -8.61 -8.71
N ALA A 476 56.23 -9.46 -8.22
CA ALA A 476 56.04 -10.12 -6.93
C ALA A 476 56.09 -9.11 -5.79
N CYS A 477 56.96 -8.11 -5.89
CA CYS A 477 57.06 -7.06 -4.89
C CYS A 477 55.75 -6.27 -4.80
N ILE A 478 55.25 -5.83 -5.95
CA ILE A 478 53.98 -5.14 -6.01
C ILE A 478 52.87 -6.01 -5.41
N GLY A 479 52.84 -7.29 -5.78
CA GLY A 479 51.88 -8.23 -5.23
C GLY A 479 51.94 -8.32 -3.71
N SER A 480 53.15 -8.27 -3.17
CA SER A 480 53.35 -8.31 -1.71
C SER A 480 52.67 -7.10 -1.03
N ILE A 481 52.72 -5.94 -1.69
CA ILE A 481 52.06 -4.74 -1.19
C ILE A 481 50.56 -4.94 -1.23
N ARG A 482 50.05 -5.36 -2.40
CA ARG A 482 48.62 -5.62 -2.57
C ARG A 482 48.08 -6.67 -1.58
N ASN A 483 48.91 -7.66 -1.27
CA ASN A 483 48.54 -8.78 -0.40
C ASN A 483 48.79 -8.49 1.08
N GLY A 484 49.39 -7.34 1.37
CA GLY A 484 49.67 -6.94 2.75
C GLY A 484 50.83 -7.67 3.41
N THR A 485 51.75 -8.21 2.62
CA THR A 485 52.91 -8.94 3.16
C THR A 485 54.26 -8.26 2.84
N TYR A 486 54.23 -7.06 2.30
CA TYR A 486 55.44 -6.30 1.95
C TYR A 486 56.25 -6.00 3.21
N ASP A 487 57.54 -6.35 3.19
CA ASP A 487 58.43 -6.08 4.31
C ASP A 487 59.30 -4.86 3.99
N HIS A 488 58.94 -3.71 4.56
CA HIS A 488 59.65 -2.46 4.23
C HIS A 488 61.13 -2.52 4.57
N ASP A 489 61.49 -3.32 5.58
CA ASP A 489 62.91 -3.41 6.00
C ASP A 489 63.82 -3.96 4.92
N VAL A 490 63.28 -4.86 4.11
CA VAL A 490 64.04 -5.52 3.02
C VAL A 490 64.59 -4.48 2.04
N TYR A 491 63.83 -3.43 1.80
CA TYR A 491 64.15 -2.46 0.76
C TYR A 491 64.58 -1.09 1.30
N ARG A 492 64.57 -0.90 2.61
CA ARG A 492 64.75 0.43 3.18
C ARG A 492 66.09 1.08 2.84
N ASP A 493 67.18 0.33 2.93
CA ASP A 493 68.50 0.85 2.56
C ASP A 493 68.54 1.40 1.13
N GLU A 494 68.07 0.59 0.18
CA GLU A 494 67.99 0.99 -1.22
C GLU A 494 67.13 2.23 -1.35
N ALA A 495 65.96 2.20 -0.72
CA ALA A 495 64.99 3.29 -0.87
C ALA A 495 65.53 4.60 -0.30
N LEU A 496 66.12 4.56 0.90
CA LEU A 496 66.66 5.77 1.52
C LEU A 496 67.78 6.40 0.69
N ASN A 497 68.66 5.56 0.16
CA ASN A 497 69.72 6.02 -0.73
CA ASN A 497 69.72 6.02 -0.73
C ASN A 497 69.15 6.76 -1.94
N ASN A 498 68.11 6.20 -2.56
CA ASN A 498 67.50 6.81 -3.73
C ASN A 498 66.74 8.11 -3.39
N ARG A 499 66.03 8.12 -2.27
CA ARG A 499 65.26 9.31 -1.84
C ARG A 499 66.13 10.50 -1.46
N PHE A 500 67.11 10.24 -0.60
CA PHE A 500 67.91 11.30 -0.02
C PHE A 500 69.30 11.31 -0.65
N GLN A 501 69.31 11.51 -1.97
CA GLN A 501 70.54 11.67 -2.73
C GLN A 501 70.62 13.09 -3.26
N ILE A 502 71.84 13.63 -3.32
CA ILE A 502 72.08 14.92 -3.99
C ILE A 502 72.09 14.70 -5.51
N LYS A 503 71.33 15.54 -6.22
CA LYS A 503 71.20 15.45 -7.67
C LYS A 503 71.78 16.70 -8.33
C1 NAG B . -44.31 -6.31 24.39
C2 NAG B . -45.09 -6.02 25.66
C3 NAG B . -44.18 -6.14 26.88
C4 NAG B . -43.39 -7.45 26.87
C5 NAG B . -42.67 -7.57 25.53
C6 NAG B . -41.86 -8.86 25.41
C7 NAG B . -46.96 -4.40 25.75
C8 NAG B . -47.39 -2.96 25.66
N2 NAG B . -45.66 -4.68 25.60
O3 NAG B . -44.94 -6.04 28.08
O4 NAG B . -42.42 -7.40 27.89
O5 NAG B . -43.61 -7.53 24.47
O6 NAG B . -42.73 -9.95 25.21
O7 NAG B . -47.81 -5.26 25.96
C1 NAG B . -42.49 -8.47 28.83
C2 NAG B . -41.19 -8.54 29.60
C3 NAG B . -41.24 -9.55 30.75
C4 NAG B . -42.56 -9.51 31.53
C5 NAG B . -43.73 -9.48 30.55
C6 NAG B . -45.11 -9.43 31.20
C7 NAG B . -39.19 -7.98 28.26
C8 NAG B . -38.14 -8.48 27.31
N2 NAG B . -40.09 -8.87 28.69
O3 NAG B . -40.16 -9.33 31.64
O4 NAG B . -42.63 -10.68 32.35
O5 NAG B . -43.58 -8.32 29.73
O6 NAG B . -45.37 -8.15 31.73
O7 NAG B . -39.19 -6.80 28.60
C1 MAN B . -42.74 -10.45 33.78
C2 MAN B . -41.64 -11.21 34.54
C3 MAN B . -41.63 -10.83 36.02
C4 MAN B . -43.01 -10.33 36.47
C5 MAN B . -44.11 -11.06 35.71
C6 MAN B . -45.49 -10.62 36.18
O2 MAN B . -40.36 -10.95 33.94
O3 MAN B . -40.67 -9.81 36.29
O4 MAN B . -43.17 -10.53 37.87
O5 MAN B . -44.02 -10.84 34.29
O6 MAN B . -45.75 -11.14 37.49
C1 NAG C . -46.44 -1.56 20.49
C2 NAG C . -47.29 -0.49 19.79
C3 NAG C . -48.52 -0.14 20.61
C4 NAG C . -49.30 -1.37 21.08
C5 NAG C . -48.36 -2.44 21.63
C6 NAG C . -49.12 -3.75 21.76
C7 NAG C . -46.17 1.20 18.38
C8 NAG C . -45.41 2.49 18.38
N2 NAG C . -46.54 0.73 19.59
O3 NAG C . -49.36 0.72 19.86
O4 NAG C . -50.23 -0.99 22.08
O5 NAG C . -47.24 -2.69 20.78
O6 NAG C . -48.30 -4.65 22.46
O7 NAG C . -46.42 0.65 17.31
C1 NAG C . -51.61 -1.22 21.71
C2 NAG C . -52.43 -1.24 23.00
C3 NAG C . -53.94 -1.26 22.73
C4 NAG C . -54.34 -0.25 21.65
C5 NAG C . -53.45 -0.41 20.43
C6 NAG C . -53.83 0.60 19.35
C7 NAG C . -51.47 -2.33 24.99
C8 NAG C . -51.16 -3.64 25.65
N2 NAG C . -52.06 -2.40 23.79
O3 NAG C . -54.64 -0.97 23.92
O4 NAG C . -55.70 -0.43 21.32
O5 NAG C . -52.09 -0.24 20.80
O6 NAG C . -52.73 0.97 18.56
O7 NAG C . -51.19 -1.27 25.55
C3 GAL D . -49.12 -1.03 -7.85
O3 GAL D . -48.50 -2.30 -8.09
C1 SIA D . -46.40 -3.14 -7.34
C2 SIA D . -47.86 -2.95 -6.98
C3 SIA D . -48.52 -4.31 -6.71
C4 SIA D . -47.95 -4.99 -5.46
C5 SIA D . -48.10 -4.06 -4.25
C6 SIA D . -47.42 -2.74 -4.58
C7 SIA D . -47.52 -1.68 -3.50
C8 SIA D . -46.94 -0.34 -3.99
C9 SIA D . -46.77 0.62 -2.82
C10 SIA D . -47.76 -4.67 -1.90
C11 SIA D . -46.88 -5.40 -0.92
N5 SIA D . -47.37 -4.71 -3.17
O1A SIA D . -46.10 -4.15 -8.02
O1B SIA D . -45.54 -2.30 -6.94
O4 SIA D . -48.57 -6.25 -5.19
O6 SIA D . -47.99 -2.17 -5.78
O7 SIA D . -48.89 -1.49 -3.11
O8 SIA D . -45.66 -0.50 -4.63
O9 SIA D . -46.26 1.85 -3.35
O10 SIA D . -48.76 -4.08 -1.52
C1 NAG E . 22.41 -1.55 -10.09
C2 NAG E . 22.85 -2.86 -10.77
C3 NAG E . 21.77 -3.93 -10.62
C4 NAG E . 21.46 -4.11 -9.14
C5 NAG E . 20.97 -2.77 -8.57
C6 NAG E . 20.66 -2.87 -7.08
C7 NAG E . 24.40 -2.66 -12.62
C8 NAG E . 24.58 -2.38 -14.09
N2 NAG E . 23.15 -2.61 -12.16
O3 NAG E . 22.25 -5.13 -11.19
O4 NAG E . 20.48 -5.11 -8.97
O5 NAG E . 21.94 -1.76 -8.77
O6 NAG E . 21.81 -3.29 -6.38
O7 NAG E . 25.37 -2.93 -11.91
C1 NAG F . -24.85 -6.26 -15.46
C2 NAG F . -24.92 -7.66 -16.03
C3 NAG F . -24.89 -7.63 -17.56
C4 NAG F . -25.87 -6.61 -18.12
C5 NAG F . -25.65 -5.27 -17.44
C6 NAG F . -26.59 -4.19 -17.93
C7 NAG F . -23.98 -9.45 -14.65
C8 NAG F . -22.74 -10.19 -14.25
N2 NAG F . -23.83 -8.48 -15.54
O3 NAG F . -25.21 -8.92 -18.00
O4 NAG F . -25.70 -6.48 -19.52
O5 NAG F . -25.84 -5.44 -16.05
O6 NAG F . -27.90 -4.64 -17.71
O7 NAG F . -25.08 -9.75 -14.16
C1 NAG G . -42.78 -16.21 3.07
C2 NAG G . -41.75 -17.33 3.06
C3 NAG G . -42.35 -18.74 3.09
C4 NAG G . -43.56 -18.83 4.01
C5 NAG G . -44.48 -17.65 3.75
C6 NAG G . -45.72 -17.64 4.63
C7 NAG G . -39.57 -17.44 1.94
C8 NAG G . -38.95 -17.84 3.25
N2 NAG G . -40.89 -17.21 1.89
O3 NAG G . -41.34 -19.64 3.52
O4 NAG G . -44.24 -20.05 3.80
O5 NAG G . -43.74 -16.51 4.07
O6 NAG G . -46.56 -16.62 4.17
O7 NAG G . -38.87 -17.33 0.94
C1 NAG H . -4.48 5.59 -10.81
C2 NAG H . -3.60 6.36 -11.78
C3 NAG H . -3.69 7.87 -11.54
C4 NAG H . -5.12 8.33 -11.30
C5 NAG H . -5.84 7.42 -10.30
C6 NAG H . -7.30 7.81 -10.09
C7 NAG H . -1.67 5.05 -12.62
C8 NAG H . -0.20 4.75 -12.55
N2 NAG H . -2.17 5.98 -11.78
O3 NAG H . -3.09 8.56 -12.62
O4 NAG H . -5.05 9.64 -10.76
O5 NAG H . -5.79 6.07 -10.74
O6 NAG H . -8.03 7.59 -11.27
O7 NAG H . -2.37 4.42 -13.42
C1 NAG I . 50.47 -12.48 -1.74
C2 NAG I . 50.60 -12.03 -3.21
C3 NAG I . 51.89 -12.52 -3.87
C4 NAG I . 53.07 -12.18 -2.97
C5 NAG I . 52.82 -12.86 -1.62
C6 NAG I . 54.02 -12.86 -0.66
C7 NAG I . 48.62 -11.56 -4.61
C8 NAG I . 48.80 -10.09 -4.44
N2 NAG I . 49.46 -12.42 -4.03
O3 NAG I . 52.07 -11.95 -5.15
O4 NAG I . 54.28 -12.59 -3.57
O5 NAG I . 51.67 -12.26 -1.01
O6 NAG I . 54.72 -11.63 -0.64
O7 NAG I . 47.68 -11.97 -5.30
N1 EPE J . -36.45 -15.94 -2.01
C2 EPE J . -36.30 -15.49 -0.61
C3 EPE J . -37.47 -14.65 -0.11
N4 EPE J . -37.77 -13.55 -1.04
C5 EPE J . -38.06 -14.07 -2.41
C6 EPE J . -37.77 -15.56 -2.59
C7 EPE J . -38.92 -12.81 -0.49
C8 EPE J . -38.73 -11.31 -0.68
O8 EPE J . -38.91 -10.64 0.58
C9 EPE J . -35.33 -15.45 -2.85
C10 EPE J . -34.01 -16.02 -2.32
S EPE J . -33.08 -16.74 -3.51
O1S EPE J . -33.68 -17.73 -4.38
O2S EPE J . -31.64 -16.65 -3.44
O3S EPE J . -32.87 -17.98 -2.46
N1 EPE K . -28.82 5.20 -4.40
C2 EPE K . -28.82 6.14 -3.27
C3 EPE K . -27.39 6.62 -3.02
N4 EPE K . -26.44 5.51 -2.82
C5 EPE K . -26.53 4.49 -3.89
C6 EPE K . -27.97 4.03 -4.11
C7 EPE K . -25.06 6.02 -2.79
C8 EPE K . -24.77 6.65 -1.43
O8 EPE K . -25.15 8.04 -1.42
C9 EPE K . -30.20 4.92 -4.89
C10 EPE K . -30.77 3.51 -4.65
S EPE K . -32.20 3.37 -5.52
O1S EPE K . -33.03 4.52 -5.30
O2S EPE K . -32.87 2.17 -5.11
O3S EPE K . -31.79 3.24 -7.10
N1 EPE L . 3.67 -12.05 3.76
C2 EPE L . 3.01 -10.73 3.64
C3 EPE L . 1.54 -10.81 4.06
N4 EPE L . 0.84 -11.76 3.16
C5 EPE L . 1.45 -13.10 3.29
C6 EPE L . 2.95 -13.05 2.94
C7 EPE L . -0.60 -11.80 3.48
C8 EPE L . -1.44 -12.45 2.38
O8 EPE L . -1.55 -13.85 2.62
C9 EPE L . 5.08 -11.97 3.33
C10 EPE L . 6.00 -12.30 4.50
S EPE L . 7.63 -12.11 4.15
O1S EPE L . 7.81 -11.63 2.79
O2S EPE L . 8.30 -13.37 4.27
O3S EPE L . 8.26 -11.02 5.19
C TAM M . 12.94 2.11 7.83
C1 TAM M . 13.84 2.98 8.71
C2 TAM M . 12.70 2.78 6.45
C3 TAM M . 11.61 1.81 8.53
C4 TAM M . 15.16 3.40 8.04
C5 TAM M . 11.53 2.24 5.63
C6 TAM M . 11.77 1.51 10.01
N TAM M . 13.63 0.85 7.61
O4 TAM M . 16.18 3.48 9.06
O5 TAM M . 10.43 3.16 5.57
O6 TAM M . 10.61 0.80 10.48
#